data_5JMA
#
_entry.id   5JMA
#
_cell.length_a   63.968
_cell.length_b   109.645
_cell.length_c   134.246
_cell.angle_alpha   90.000
_cell.angle_beta   90.000
_cell.angle_gamma   90.000
#
_symmetry.space_group_name_H-M   'I 2 2 2'
#
loop_
_entity.id
_entity.type
_entity.pdbx_description
1 polymer 'Phosphoserine phosphatase'
2 non-polymer SERINE
3 non-polymer 'MAGNESIUM ION'
4 non-polymer 1,2-ETHANEDIOL
5 water water
#
_entity_poly.entity_id   1
_entity_poly.type   'polypeptide(L)'
_entity_poly.pdbx_seq_one_letter_code
;PKVSVLITVTGVDQPGVTATLFEVLSRHGVELLNVEQVVIRHRLTLGVLVCCPADVADGPALRHDVEAAIRKVGLDVSIE
RSDDVPIIREPSTHTIFVLGRPITAAAFGAVAREVAALGVNIDLIRGVSDYPVIGLELRVSVPPGADGALRTALNRVSSE
EHVDVAVEDYTLERRAKRLIVFDVDSTLVQGEVIEMLAAKAGAEGQVAAITDAAMRGELDFAQSLQQRVATLAGLPATVI
DEVAGQLELMPGARTTLRTLRRLGYACGVVSGGFRRIIEPLAEELMLDYVAANELEIVDGTLTGRVVGPIIDRAGKATAL
REFAQRAGVPMAQTVAVGDGANDIDMLAAAGLGIAFNAKPALREVADASLSHPYLDTVLFLLGVTRGEIEAADAID
;
_entity_poly.pdbx_strand_id   A
#
loop_
_chem_comp.id
_chem_comp.type
_chem_comp.name
_chem_comp.formula
EDO non-polymer 1,2-ETHANEDIOL 'C2 H6 O2'
MG non-polymer 'MAGNESIUM ION' 'Mg 2'
#
# COMPACT_ATOMS: atom_id res chain seq x y z
N PRO A 1 44.98 0.84 -1.41
CA PRO A 1 45.06 0.45 0.00
C PRO A 1 44.75 -1.03 0.21
N LYS A 2 45.40 -1.65 1.19
CA LYS A 2 45.38 -3.10 1.34
C LYS A 2 44.22 -3.65 2.19
N VAL A 3 44.20 -3.32 3.48
CA VAL A 3 43.34 -4.02 4.43
C VAL A 3 42.12 -3.21 4.93
N SER A 4 41.05 -3.92 5.29
CA SER A 4 39.81 -3.29 5.68
C SER A 4 39.72 -3.01 7.17
N VAL A 5 39.15 -1.85 7.52
CA VAL A 5 38.90 -1.48 8.90
C VAL A 5 37.48 -0.99 9.07
N LEU A 6 36.81 -1.42 10.12
CA LEU A 6 35.46 -0.99 10.44
C LEU A 6 35.45 -0.04 11.63
N ILE A 7 34.85 1.14 11.44
CA ILE A 7 34.73 2.13 12.51
C ILE A 7 33.28 2.39 12.82
N THR A 8 32.91 2.26 14.09
CA THR A 8 31.54 2.42 14.49
C THR A 8 31.41 3.43 15.62
N VAL A 9 30.62 4.47 15.38
CA VAL A 9 30.40 5.55 16.33
C VAL A 9 28.96 5.50 16.87
N THR A 10 28.79 5.50 18.19
CA THR A 10 27.45 5.52 18.77
C THR A 10 27.35 6.51 19.90
N GLY A 11 26.13 7.01 20.15
CA GLY A 11 25.89 7.82 21.32
C GLY A 11 24.83 8.86 21.05
N VAL A 12 24.80 9.90 21.89
CA VAL A 12 23.82 10.97 21.71
C VAL A 12 24.22 11.87 20.53
N ASP A 13 23.26 12.08 19.64
CA ASP A 13 23.46 12.91 18.46
C ASP A 13 23.95 14.32 18.77
N GLN A 14 24.96 14.77 18.04
CA GLN A 14 25.47 16.13 18.14
C GLN A 14 25.82 16.64 16.75
N PRO A 15 25.67 17.95 16.54
CA PRO A 15 26.07 18.52 15.25
C PRO A 15 27.55 18.25 14.97
N GLY A 16 27.86 17.89 13.73
CA GLY A 16 29.23 17.91 13.25
C GLY A 16 30.03 16.64 13.41
N VAL A 17 29.43 15.60 13.97
CA VAL A 17 30.17 14.37 14.22
C VAL A 17 30.61 13.75 12.89
N THR A 18 29.69 13.74 11.93
CA THR A 18 29.97 13.15 10.63
C THR A 18 31.19 13.78 9.94
N ALA A 19 31.18 15.10 9.80
CA ALA A 19 32.31 15.79 9.19
C ALA A 19 33.60 15.57 10.00
N THR A 20 33.50 15.68 11.33
CA THR A 20 34.69 15.50 12.17
C THR A 20 35.35 14.13 11.94
N LEU A 21 34.56 13.06 11.92
CA LEU A 21 35.13 11.74 11.70
C LEU A 21 35.89 11.66 10.38
N PHE A 22 35.25 12.07 9.27
CA PHE A 22 35.93 11.94 7.98
C PHE A 22 37.09 12.92 7.84
N GLU A 23 36.98 14.09 8.45
CA GLU A 23 38.12 14.99 8.47
C GLU A 23 39.31 14.30 9.16
N VAL A 24 39.05 13.60 10.26
CA VAL A 24 40.13 12.91 10.96
C VAL A 24 40.69 11.79 10.10
N LEU A 25 39.79 11.02 9.50
CA LEU A 25 40.17 9.90 8.65
C LEU A 25 41.03 10.35 7.47
N SER A 26 40.78 11.55 6.96
CA SER A 26 41.51 12.04 5.80
C SER A 26 42.98 12.31 6.09
N ARG A 27 43.34 12.43 7.36
CA ARG A 27 44.74 12.58 7.76
C ARG A 27 45.48 11.26 7.66
N HIS A 28 44.74 10.17 7.48
CA HIS A 28 45.38 8.88 7.28
C HIS A 28 45.05 8.47 5.85
N GLY A 29 45.40 7.26 5.43
CA GLY A 29 45.33 7.00 3.99
C GLY A 29 43.98 6.54 3.44
N VAL A 30 42.90 7.09 3.99
CA VAL A 30 41.63 6.36 4.02
C VAL A 30 40.71 6.55 2.79
N GLU A 31 40.30 5.43 2.20
CA GLU A 31 39.29 5.41 1.15
C GLU A 31 38.06 4.70 1.69
N LEU A 32 36.86 5.10 1.25
CA LEU A 32 35.64 4.55 1.84
C LEU A 32 35.06 3.39 1.04
N LEU A 33 34.51 2.41 1.77
CA LEU A 33 33.82 1.29 1.13
C LEU A 33 32.33 1.41 1.34
N ASN A 34 31.97 1.96 2.50
CA ASN A 34 30.56 2.04 2.89
C ASN A 34 30.40 2.95 4.09
N VAL A 35 29.29 3.66 4.11
CA VAL A 35 28.93 4.52 5.21
C VAL A 35 27.45 4.33 5.43
N GLU A 36 27.07 4.17 6.68
CA GLU A 36 25.70 3.98 7.13
C GLU A 36 25.49 4.83 8.36
N GLN A 37 24.52 5.73 8.31
CA GLN A 37 24.27 6.59 9.43
C GLN A 37 22.79 6.82 9.61
N VAL A 38 22.34 6.74 10.84
CA VAL A 38 20.99 7.14 11.17
C VAL A 38 20.95 7.72 12.58
N VAL A 39 19.98 8.58 12.82
CA VAL A 39 19.68 9.06 14.15
C VAL A 39 18.23 8.70 14.47
N ILE A 40 18.06 7.95 15.55
CA ILE A 40 16.73 7.60 16.04
C ILE A 40 16.61 8.13 17.46
N ARG A 41 15.64 9.02 17.67
CA ARG A 41 15.35 9.57 18.98
C ARG A 41 16.62 10.09 19.68
N HIS A 42 17.37 10.87 18.91
CA HIS A 42 18.63 11.50 19.33
C HIS A 42 19.73 10.48 19.62
N ARG A 43 19.56 9.25 19.16
CA ARG A 43 20.64 8.26 19.23
C ARG A 43 21.27 8.10 17.86
N LEU A 44 22.56 8.39 17.79
CA LEU A 44 23.35 8.35 16.59
C LEU A 44 24.04 7.02 16.43
N THR A 45 23.96 6.46 15.24
CA THR A 45 24.83 5.36 14.89
C THR A 45 25.48 5.66 13.56
N LEU A 46 26.80 5.59 13.52
CA LEU A 46 27.54 5.87 12.30
C LEU A 46 28.54 4.76 12.05
N GLY A 47 28.28 3.96 11.04
CA GLY A 47 29.16 2.85 10.73
C GLY A 47 29.90 3.11 9.43
N VAL A 48 31.22 3.03 9.50
CA VAL A 48 32.10 3.35 8.37
C VAL A 48 33.07 2.22 8.12
N LEU A 49 33.05 1.69 6.90
CA LEU A 49 33.96 0.63 6.51
C LEU A 49 34.97 1.19 5.54
N VAL A 50 36.25 1.07 5.86
CA VAL A 50 37.27 1.71 5.05
C VAL A 50 38.34 0.74 4.63
N CYS A 51 39.16 1.16 3.67
CA CYS A 51 40.37 0.41 3.39
C CYS A 51 41.52 1.40 3.44
N CYS A 52 42.55 1.04 4.17
CA CYS A 52 43.76 1.84 4.27
C CYS A 52 44.91 0.91 4.00
N PRO A 53 46.06 1.46 3.57
CA PRO A 53 47.19 0.55 3.33
C PRO A 53 47.51 -0.21 4.60
N ALA A 54 48.02 -1.44 4.47
CA ALA A 54 48.42 -2.22 5.65
C ALA A 54 49.53 -1.48 6.41
N ASP A 55 49.85 -0.29 5.95
CA ASP A 55 50.85 0.59 6.55
C ASP A 55 50.22 1.70 7.41
N VAL A 56 48.92 1.59 7.69
CA VAL A 56 48.26 2.54 8.58
C VAL A 56 47.22 1.85 9.48
N ALA A 57 46.60 0.78 9.00
CA ALA A 57 45.63 0.02 9.82
C ALA A 57 46.30 -0.75 10.96
N ASP A 58 47.52 -1.19 10.72
CA ASP A 58 48.46 -1.64 11.74
C ASP A 58 48.49 -0.65 12.91
N GLY A 59 48.44 0.63 12.54
CA GLY A 59 48.89 1.73 13.36
C GLY A 59 47.98 2.28 14.42
N PRO A 60 48.56 2.54 15.59
CA PRO A 60 47.89 3.24 16.69
C PRO A 60 47.54 4.68 16.31
N ALA A 61 48.23 5.24 15.32
CA ALA A 61 48.02 6.63 14.95
C ALA A 61 46.57 6.86 14.51
N LEU A 62 46.07 6.02 13.62
CA LEU A 62 44.69 6.13 13.17
C LEU A 62 43.74 5.96 14.34
N ARG A 63 43.97 4.88 15.09
CA ARG A 63 43.16 4.54 16.25
C ARG A 63 43.11 5.66 17.30
N HIS A 64 44.26 6.18 17.69
CA HIS A 64 44.34 7.29 18.65
C HIS A 64 43.65 8.56 18.14
N ASP A 65 43.92 8.89 16.89
CA ASP A 65 43.31 10.06 16.27
C ASP A 65 41.77 9.96 16.31
N VAL A 66 41.24 8.83 15.89
CA VAL A 66 39.79 8.63 15.90
C VAL A 66 39.21 8.59 17.32
N GLU A 67 39.81 7.76 18.18
CA GLU A 67 39.28 7.59 19.54
C GLU A 67 39.28 8.92 20.31
N ALA A 68 40.34 9.69 20.20
CA ALA A 68 40.42 10.97 20.92
C ALA A 68 39.36 11.95 20.41
N ALA A 69 39.29 12.11 19.08
CA ALA A 69 38.27 12.95 18.46
C ALA A 69 36.85 12.56 18.86
N ILE A 70 36.56 11.26 18.83
CA ILE A 70 35.18 10.86 19.10
C ILE A 70 34.85 10.88 20.60
N ARG A 71 35.76 10.35 21.42
CA ARG A 71 35.45 10.22 22.84
C ARG A 71 35.40 11.57 23.54
N LYS A 72 36.19 12.52 23.08
CA LYS A 72 36.29 13.81 23.77
C LYS A 72 34.95 14.52 23.77
N VAL A 73 34.17 14.35 22.70
CA VAL A 73 32.88 15.02 22.63
C VAL A 73 31.74 14.15 23.17
N GLY A 74 32.09 12.99 23.72
CA GLY A 74 31.16 12.26 24.56
C GLY A 74 30.43 11.10 23.91
N LEU A 75 30.94 10.68 22.75
CA LEU A 75 30.42 9.51 22.06
C LEU A 75 31.39 8.33 22.20
N ASP A 76 30.91 7.16 21.82
CA ASP A 76 31.74 5.97 21.82
C ASP A 76 32.17 5.60 20.40
N VAL A 77 33.30 4.91 20.30
CA VAL A 77 33.75 4.38 19.03
C VAL A 77 34.44 3.03 19.20
N SER A 78 34.20 2.11 18.26
CA SER A 78 34.99 0.91 18.19
C SER A 78 35.70 0.88 16.84
N ILE A 79 36.86 0.23 16.79
CA ILE A 79 37.67 0.17 15.58
C ILE A 79 38.23 -1.25 15.42
N GLU A 80 37.82 -1.95 14.37
CA GLU A 80 38.26 -3.34 14.16
C GLU A 80 38.72 -3.67 12.75
N ARG A 81 39.82 -4.42 12.64
CA ARG A 81 40.21 -4.98 11.35
C ARG A 81 39.20 -6.06 10.99
N SER A 82 38.65 -5.97 9.79
CA SER A 82 37.53 -6.78 9.42
C SER A 82 37.89 -7.91 8.46
N ASP A 83 37.97 -7.60 7.16
CA ASP A 83 38.30 -8.55 6.10
C ASP A 83 37.26 -9.67 5.89
N ASP A 84 36.54 -10.03 6.95
CA ASP A 84 35.53 -11.09 6.85
C ASP A 84 34.11 -10.51 6.81
N VAL A 85 34.03 -9.23 6.46
CA VAL A 85 32.82 -8.44 6.68
C VAL A 85 32.20 -7.95 5.36
N PRO A 86 30.87 -8.09 5.23
CA PRO A 86 30.20 -7.64 4.01
C PRO A 86 30.31 -6.13 3.83
N ILE A 87 30.47 -5.67 2.59
CA ILE A 87 30.59 -4.26 2.30
C ILE A 87 29.24 -3.59 2.41
N ILE A 88 28.28 -4.16 1.71
CA ILE A 88 26.93 -3.64 1.72
C ILE A 88 25.94 -4.77 2.00
N ARG A 89 24.98 -4.50 2.89
CA ARG A 89 23.95 -5.48 3.22
C ARG A 89 23.05 -5.75 2.00
N GLU A 90 22.50 -6.96 1.92
CA GLU A 90 21.54 -7.31 0.87
C GLU A 90 20.24 -6.55 1.04
N PRO A 91 19.48 -6.36 -0.05
CA PRO A 91 18.15 -5.77 0.06
C PRO A 91 17.20 -6.67 0.85
N SER A 92 16.17 -6.08 1.46
CA SER A 92 15.10 -6.84 2.09
C SER A 92 14.31 -7.60 1.03
N THR A 93 13.73 -8.74 1.39
CA THR A 93 12.95 -9.53 0.42
C THR A 93 11.49 -9.12 0.39
N HIS A 94 10.98 -8.68 1.54
CA HIS A 94 9.56 -8.34 1.64
C HIS A 94 9.42 -7.12 2.52
N THR A 95 8.24 -6.51 2.48
CA THR A 95 7.92 -5.47 3.44
C THR A 95 6.55 -5.78 4.03
N ILE A 96 6.37 -5.38 5.29
CA ILE A 96 5.16 -5.67 6.04
C ILE A 96 4.58 -4.38 6.60
N PHE A 97 3.31 -4.13 6.31
CA PHE A 97 2.67 -2.93 6.82
C PHE A 97 1.68 -3.33 7.91
N VAL A 98 1.67 -2.57 9.00
CA VAL A 98 0.78 -2.85 10.09
C VAL A 98 0.02 -1.57 10.34
N LEU A 99 -1.30 -1.66 10.30
CA LEU A 99 -2.13 -0.47 10.40
C LEU A 99 -3.13 -0.74 11.48
N GLY A 100 -3.49 0.29 12.23
CA GLY A 100 -4.40 0.11 13.34
C GLY A 100 -4.78 1.42 13.98
N ARG A 101 -5.86 1.37 14.73
CA ARG A 101 -6.40 2.52 15.41
C ARG A 101 -7.16 2.02 16.62
N PRO A 102 -6.44 1.56 17.67
CA PRO A 102 -4.99 1.63 17.82
C PRO A 102 -4.23 0.39 17.33
N ILE A 103 -2.91 0.52 17.27
CA ILE A 103 -2.02 -0.62 17.28
C ILE A 103 -1.58 -0.86 18.72
N THR A 104 -2.08 -1.90 19.34
CA THR A 104 -1.59 -2.25 20.69
C THR A 104 -0.20 -2.85 20.63
N ALA A 105 0.52 -2.81 21.74
CA ALA A 105 1.78 -3.51 21.84
C ALA A 105 1.57 -5.02 21.69
N ALA A 106 0.47 -5.54 22.25
CA ALA A 106 0.13 -6.96 22.10
C ALA A 106 0.05 -7.34 20.61
N ALA A 107 -0.63 -6.52 19.82
CA ALA A 107 -0.74 -6.77 18.39
C ALA A 107 0.64 -6.76 17.68
N PHE A 108 1.39 -5.69 17.87
CA PHE A 108 2.70 -5.60 17.23
C PHE A 108 3.64 -6.69 17.74
N GLY A 109 3.52 -7.01 19.02
CA GLY A 109 4.24 -8.13 19.59
C GLY A 109 3.91 -9.45 18.93
N ALA A 110 2.62 -9.69 18.67
CA ALA A 110 2.17 -10.88 17.96
C ALA A 110 2.78 -10.96 16.55
N VAL A 111 2.82 -9.83 15.84
CA VAL A 111 3.50 -9.77 14.54
C VAL A 111 4.99 -10.12 14.63
N ALA A 112 5.70 -9.47 15.56
CA ALA A 112 7.13 -9.70 15.71
C ALA A 112 7.41 -11.18 16.02
N ARG A 113 6.56 -11.80 16.82
CA ARG A 113 6.79 -13.20 17.20
C ARG A 113 6.59 -14.16 16.03
N GLU A 114 5.51 -13.98 15.27
CA GLU A 114 5.26 -14.80 14.08
C GLU A 114 6.39 -14.69 13.07
N VAL A 115 6.86 -13.47 12.87
CA VAL A 115 8.04 -13.22 12.03
C VAL A 115 9.27 -13.99 12.53
N ALA A 116 9.56 -13.87 13.83
CA ALA A 116 10.72 -14.57 14.40
C ALA A 116 10.53 -16.07 14.29
N ALA A 117 9.31 -16.53 14.51
CA ALA A 117 9.00 -17.95 14.48
C ALA A 117 9.34 -18.60 13.14
N LEU A 118 9.37 -17.80 12.06
CA LEU A 118 9.61 -18.34 10.73
C LEU A 118 11.05 -18.13 10.24
N GLY A 119 11.89 -17.58 11.10
CA GLY A 119 13.28 -17.35 10.76
C GLY A 119 13.45 -16.11 9.90
N VAL A 120 12.49 -15.21 10.00
CA VAL A 120 12.50 -13.97 9.23
C VAL A 120 13.22 -12.85 9.97
N ASN A 121 14.22 -12.25 9.33
CA ASN A 121 14.91 -11.12 9.96
C ASN A 121 14.23 -9.78 9.67
N ILE A 122 14.06 -9.00 10.74
CA ILE A 122 13.60 -7.64 10.62
C ILE A 122 14.78 -6.74 10.30
N ASP A 123 14.80 -6.22 9.07
CA ASP A 123 15.88 -5.37 8.57
C ASP A 123 15.66 -3.92 8.96
N LEU A 124 14.41 -3.53 9.16
CA LEU A 124 14.15 -2.15 9.51
C LEU A 124 12.71 -1.99 9.95
N ILE A 125 12.46 -1.05 10.83
CA ILE A 125 11.10 -0.68 11.17
C ILE A 125 11.02 0.84 11.15
N ARG A 126 9.94 1.37 10.60
CA ARG A 126 9.71 2.80 10.66
C ARG A 126 8.22 3.07 10.67
N GLY A 127 7.86 4.27 11.09
CA GLY A 127 6.49 4.70 11.04
C GLY A 127 6.20 5.21 9.64
N VAL A 128 4.99 4.98 9.14
CA VAL A 128 4.62 5.59 7.86
C VAL A 128 3.40 6.50 8.00
N SER A 129 2.70 6.43 9.12
CA SER A 129 1.65 7.40 9.37
C SER A 129 1.28 7.53 10.82
N ASP A 130 0.78 8.70 11.20
CA ASP A 130 0.20 8.94 12.51
C ASP A 130 -1.28 9.28 12.37
N TYR A 131 -1.77 9.21 11.14
CA TYR A 131 -3.10 9.69 10.80
C TYR A 131 -3.40 9.26 9.36
N PRO A 132 -4.65 8.84 9.08
CA PRO A 132 -5.80 8.74 9.98
C PRO A 132 -5.75 7.49 10.87
N VAL A 133 -4.77 6.63 10.60
CA VAL A 133 -4.50 5.49 11.47
C VAL A 133 -3.00 5.48 11.76
N ILE A 134 -2.58 4.75 12.79
CA ILE A 134 -1.15 4.54 13.00
C ILE A 134 -0.70 3.49 12.00
N GLY A 135 0.40 3.77 11.30
CA GLY A 135 0.97 2.81 10.40
C GLY A 135 2.47 2.59 10.61
N LEU A 136 2.88 1.33 10.55
CA LEU A 136 4.25 0.93 10.75
C LEU A 136 4.67 0.05 9.60
N GLU A 137 5.90 0.22 9.13
CA GLU A 137 6.43 -0.67 8.12
C GLU A 137 7.58 -1.45 8.72
N LEU A 138 7.63 -2.75 8.43
CA LEU A 138 8.83 -3.56 8.67
C LEU A 138 9.33 -4.13 7.36
N ARG A 139 10.59 -3.83 7.02
CA ARG A 139 11.25 -4.48 5.91
C ARG A 139 11.93 -5.72 6.45
N VAL A 140 11.74 -6.85 5.77
CA VAL A 140 12.17 -8.12 6.31
C VAL A 140 12.88 -8.95 5.28
N SER A 141 13.63 -9.93 5.75
CA SER A 141 14.31 -10.84 4.88
C SER A 141 13.75 -12.22 5.18
N VAL A 142 12.99 -12.75 4.25
CA VAL A 142 12.29 -14.02 4.43
C VAL A 142 13.07 -15.19 3.82
N PRO A 143 13.26 -16.26 4.60
CA PRO A 143 13.90 -17.46 4.06
C PRO A 143 13.11 -17.97 2.86
N PRO A 144 13.81 -18.53 1.87
CA PRO A 144 13.17 -19.01 0.64
C PRO A 144 12.08 -20.02 0.92
N GLY A 145 10.85 -19.71 0.52
CA GLY A 145 9.75 -20.65 0.64
C GLY A 145 9.00 -20.56 1.94
N ALA A 146 9.22 -19.49 2.70
CA ALA A 146 8.53 -19.29 3.97
C ALA A 146 7.46 -18.22 3.81
N ASP A 147 7.43 -17.61 2.63
CA ASP A 147 6.55 -16.48 2.35
C ASP A 147 5.07 -16.78 2.59
N GLY A 148 4.61 -17.94 2.11
CA GLY A 148 3.22 -18.34 2.29
C GLY A 148 2.88 -18.60 3.75
N ALA A 149 3.79 -19.28 4.45
CA ALA A 149 3.62 -19.51 5.88
C ALA A 149 3.52 -18.18 6.62
N LEU A 150 4.34 -17.22 6.20
CA LEU A 150 4.34 -15.90 6.83
C LEU A 150 3.03 -15.16 6.65
N ARG A 151 2.49 -15.18 5.42
CA ARG A 151 1.24 -14.50 5.14
C ARG A 151 0.12 -15.13 5.95
N THR A 152 0.13 -16.46 5.99
CA THR A 152 -0.86 -17.21 6.75
C THR A 152 -0.83 -16.81 8.22
N ALA A 153 0.36 -16.85 8.82
CA ALA A 153 0.52 -16.52 10.23
C ALA A 153 0.01 -15.11 10.53
N LEU A 154 0.39 -14.14 9.70
CA LEU A 154 0.04 -12.74 9.93
C LEU A 154 -1.43 -12.46 9.69
N ASN A 155 -2.06 -13.25 8.82
CA ASN A 155 -3.49 -13.12 8.62
C ASN A 155 -4.24 -13.53 9.88
N ARG A 156 -3.82 -14.64 10.46
CA ARG A 156 -4.35 -15.07 11.74
C ARG A 156 -4.11 -13.98 12.79
N VAL A 157 -2.90 -13.41 12.82
CA VAL A 157 -2.58 -12.34 13.77
C VAL A 157 -3.47 -11.11 13.55
N SER A 158 -3.66 -10.74 12.29
CA SER A 158 -4.51 -9.62 11.96
C SER A 158 -5.93 -9.84 12.46
N SER A 159 -6.43 -11.06 12.34
CA SER A 159 -7.83 -11.31 12.66
C SER A 159 -8.02 -11.30 14.18
N GLU A 160 -7.09 -11.89 14.91
CA GLU A 160 -7.18 -11.98 16.36
C GLU A 160 -6.78 -10.69 17.09
N GLU A 161 -5.97 -9.82 16.47
CA GLU A 161 -5.47 -8.64 17.17
C GLU A 161 -6.05 -7.31 16.71
N HIS A 162 -6.92 -7.36 15.71
CA HIS A 162 -7.59 -6.15 15.21
C HIS A 162 -6.65 -5.09 14.61
N VAL A 163 -5.69 -5.55 13.81
CA VAL A 163 -4.93 -4.65 12.98
C VAL A 163 -4.92 -5.17 11.55
N ASP A 164 -4.75 -4.27 10.60
CA ASP A 164 -4.48 -4.65 9.21
C ASP A 164 -3.00 -5.00 9.05
N VAL A 165 -2.73 -6.14 8.41
CA VAL A 165 -1.37 -6.62 8.19
C VAL A 165 -1.17 -7.08 6.77
N ALA A 166 -0.29 -6.40 6.03
CA ALA A 166 -0.07 -6.72 4.61
C ALA A 166 1.38 -7.07 4.33
N VAL A 167 1.58 -8.19 3.63
CA VAL A 167 2.91 -8.63 3.26
C VAL A 167 3.12 -8.46 1.76
N GLU A 168 4.15 -7.73 1.37
CA GLU A 168 4.40 -7.45 -0.05
C GLU A 168 5.83 -7.81 -0.46
N ASP A 169 5.98 -8.34 -1.67
CA ASP A 169 7.28 -8.53 -2.28
C ASP A 169 7.96 -7.18 -2.38
N TYR A 170 9.24 -7.10 -2.03
CA TYR A 170 9.93 -5.82 -2.01
C TYR A 170 10.95 -5.75 -3.13
N THR A 171 10.80 -6.61 -4.13
CA THR A 171 11.71 -6.65 -5.27
C THR A 171 11.42 -5.53 -6.26
N LEU A 172 12.46 -5.16 -7.03
CA LEU A 172 12.42 -4.05 -7.97
C LEU A 172 11.17 -4.00 -8.82
N GLU A 173 10.93 -5.08 -9.56
CA GLU A 173 9.78 -5.11 -10.47
C GLU A 173 8.45 -5.00 -9.73
N ARG A 174 8.21 -5.90 -8.77
CA ARG A 174 6.89 -5.99 -8.16
C ARG A 174 6.61 -4.88 -7.15
N ARG A 175 7.34 -3.78 -7.23
CA ARG A 175 7.03 -2.61 -6.43
C ARG A 175 7.09 -1.33 -7.27
N ALA A 176 7.32 -1.51 -8.56
CA ALA A 176 7.10 -0.44 -9.51
C ALA A 176 5.65 -0.51 -10.01
N LYS A 177 4.71 -0.19 -9.13
CA LYS A 177 3.29 -0.15 -9.49
C LYS A 177 2.97 1.15 -10.19
N ARG A 178 2.23 1.09 -11.30
CA ARG A 178 2.00 2.26 -12.13
C ARG A 178 0.53 2.41 -12.55
N LEU A 179 -0.31 1.44 -12.19
CA LEU A 179 -1.70 1.45 -12.61
C LEU A 179 -2.61 0.92 -11.52
N ILE A 180 -3.67 1.66 -11.24
CA ILE A 180 -4.63 1.26 -10.24
C ILE A 180 -6.07 1.39 -10.75
N VAL A 181 -6.92 0.41 -10.43
CA VAL A 181 -8.35 0.57 -10.63
C VAL A 181 -9.09 0.43 -9.31
N PHE A 182 -10.12 1.26 -9.13
CA PHE A 182 -11.02 1.15 -8.01
C PHE A 182 -12.38 0.62 -8.44
N ASP A 183 -12.91 -0.32 -7.67
CA ASP A 183 -14.34 -0.55 -7.68
C ASP A 183 -14.96 0.77 -7.23
N VAL A 184 -16.18 1.08 -7.68
CA VAL A 184 -16.85 2.31 -7.30
C VAL A 184 -17.64 2.15 -5.99
N ASP A 185 -18.70 1.36 -6.05
CA ASP A 185 -19.64 1.19 -4.93
C ASP A 185 -19.03 0.57 -3.68
N SER A 186 -19.03 1.36 -2.60
CA SER A 186 -18.50 0.98 -1.30
C SER A 186 -16.99 0.86 -1.33
N THR A 187 -16.35 1.41 -2.36
CA THR A 187 -14.90 1.50 -2.41
C THR A 187 -14.49 2.96 -2.63
N LEU A 188 -14.64 3.46 -3.85
CA LEU A 188 -14.33 4.86 -4.12
C LEU A 188 -15.45 5.76 -3.60
N VAL A 189 -16.66 5.24 -3.61
CA VAL A 189 -17.82 6.03 -3.29
C VAL A 189 -18.57 5.39 -2.16
N GLN A 190 -19.21 6.19 -1.31
CA GLN A 190 -19.96 5.64 -0.18
C GLN A 190 -21.31 5.09 -0.61
N GLY A 191 -21.64 3.91 -0.08
CA GLY A 191 -22.92 3.29 -0.35
C GLY A 191 -23.03 2.66 -1.73
N GLU A 192 -24.24 2.31 -2.10
CA GLU A 192 -24.46 1.53 -3.30
C GLU A 192 -25.44 2.29 -4.18
N VAL A 193 -24.97 2.69 -5.36
CA VAL A 193 -25.78 3.46 -6.30
C VAL A 193 -27.11 2.78 -6.60
N ILE A 194 -27.07 1.49 -6.85
CA ILE A 194 -28.28 0.72 -7.10
C ILE A 194 -29.29 0.84 -5.96
N GLU A 195 -28.82 0.98 -4.71
CA GLU A 195 -29.74 1.10 -3.58
C GLU A 195 -30.34 2.49 -3.51
N MET A 196 -29.53 3.47 -3.88
CA MET A 196 -29.98 4.86 -3.98
C MET A 196 -31.04 5.03 -5.07
N LEU A 197 -30.88 4.29 -6.16
CA LEU A 197 -31.88 4.34 -7.25
C LEU A 197 -33.14 3.60 -6.82
N ALA A 198 -32.97 2.44 -6.20
CA ALA A 198 -34.11 1.67 -5.71
C ALA A 198 -34.92 2.44 -4.68
N ALA A 199 -34.27 3.32 -3.92
CA ALA A 199 -34.98 4.09 -2.90
C ALA A 199 -36.07 4.95 -3.53
N LYS A 200 -35.74 5.53 -4.68
CA LYS A 200 -36.69 6.35 -5.42
C LYS A 200 -37.93 5.55 -5.82
N ALA A 201 -37.75 4.27 -6.13
CA ALA A 201 -38.88 3.43 -6.53
C ALA A 201 -39.55 2.84 -5.30
N GLY A 202 -38.95 3.00 -4.14
CA GLY A 202 -39.52 2.47 -2.92
C GLY A 202 -39.17 1.00 -2.73
N ALA A 203 -38.09 0.54 -3.34
CA ALA A 203 -37.67 -0.85 -3.22
C ALA A 203 -36.27 -1.01 -2.61
N GLU A 204 -35.84 -0.05 -1.80
CA GLU A 204 -34.48 -0.06 -1.28
C GLU A 204 -34.20 -1.31 -0.46
N GLY A 205 -35.17 -1.68 0.37
CA GLY A 205 -35.04 -2.83 1.27
C GLY A 205 -34.69 -4.12 0.55
N GLN A 206 -35.48 -4.46 -0.47
CA GLN A 206 -35.24 -5.67 -1.23
C GLN A 206 -33.93 -5.60 -1.99
N VAL A 207 -33.61 -4.44 -2.55
CA VAL A 207 -32.41 -4.32 -3.36
C VAL A 207 -31.15 -4.40 -2.49
N ALA A 208 -31.20 -3.85 -1.29
CA ALA A 208 -30.04 -3.92 -0.38
C ALA A 208 -29.78 -5.36 0.07
N ALA A 209 -30.86 -6.11 0.30
CA ALA A 209 -30.72 -7.51 0.70
C ALA A 209 -30.06 -8.32 -0.40
N ILE A 210 -30.53 -8.17 -1.64
CA ILE A 210 -29.91 -8.82 -2.79
C ILE A 210 -28.46 -8.39 -2.97
N THR A 211 -28.23 -7.08 -2.87
CA THR A 211 -26.88 -6.51 -2.95
C THR A 211 -25.92 -7.17 -1.96
N ASP A 212 -26.33 -7.22 -0.70
CA ASP A 212 -25.47 -7.81 0.34
C ASP A 212 -25.25 -9.28 0.05
N ALA A 213 -26.31 -10.00 -0.32
CA ALA A 213 -26.17 -11.38 -0.75
C ALA A 213 -25.16 -11.52 -1.89
N ALA A 214 -25.24 -10.64 -2.89
CA ALA A 214 -24.34 -10.72 -4.03
C ALA A 214 -22.90 -10.41 -3.63
N MET A 215 -22.71 -9.33 -2.88
CA MET A 215 -21.38 -8.91 -2.45
C MET A 215 -20.73 -9.90 -1.46
N ARG A 216 -21.50 -10.83 -0.90
CA ARG A 216 -20.90 -11.85 -0.06
C ARG A 216 -20.55 -13.10 -0.87
N GLY A 217 -20.94 -13.11 -2.14
CA GLY A 217 -20.64 -14.25 -3.00
C GLY A 217 -21.75 -15.31 -3.04
N GLU A 218 -22.81 -15.08 -2.26
CA GLU A 218 -23.93 -16.01 -2.21
C GLU A 218 -24.76 -16.04 -3.48
N LEU A 219 -24.68 -14.98 -4.29
CA LEU A 219 -25.52 -14.90 -5.49
C LEU A 219 -24.69 -14.76 -6.76
N ASP A 220 -25.24 -15.21 -7.88
CA ASP A 220 -24.61 -14.96 -9.18
C ASP A 220 -24.73 -13.47 -9.48
N PHE A 221 -23.62 -12.84 -9.85
CA PHE A 221 -23.64 -11.39 -9.99
C PHE A 221 -24.58 -10.90 -11.07
N ALA A 222 -24.52 -11.53 -12.24
CA ALA A 222 -25.35 -11.14 -13.37
C ALA A 222 -26.84 -11.25 -13.04
N GLN A 223 -27.25 -12.39 -12.50
CA GLN A 223 -28.65 -12.56 -12.13
C GLN A 223 -29.05 -11.54 -11.07
N SER A 224 -28.16 -11.31 -10.10
CA SER A 224 -28.40 -10.37 -9.02
C SER A 224 -28.55 -8.97 -9.58
N LEU A 225 -27.77 -8.64 -10.60
CA LEU A 225 -27.86 -7.32 -11.20
C LEU A 225 -29.19 -7.19 -11.96
N GLN A 226 -29.61 -8.26 -12.63
CA GLN A 226 -30.87 -8.23 -13.39
C GLN A 226 -32.05 -8.03 -12.45
N GLN A 227 -32.04 -8.77 -11.33
CA GLN A 227 -33.13 -8.70 -10.38
C GLN A 227 -33.22 -7.29 -9.79
N ARG A 228 -32.07 -6.71 -9.45
CA ARG A 228 -32.08 -5.43 -8.77
C ARG A 228 -32.46 -4.28 -9.71
N VAL A 229 -31.90 -4.28 -10.92
CA VAL A 229 -32.20 -3.21 -11.86
C VAL A 229 -33.68 -3.26 -12.31
N ALA A 230 -34.25 -4.45 -12.40
CA ALA A 230 -35.67 -4.62 -12.75
C ALA A 230 -36.60 -3.84 -11.82
N THR A 231 -36.17 -3.74 -10.56
CA THR A 231 -36.85 -2.96 -9.53
C THR A 231 -37.01 -1.48 -9.91
N LEU A 232 -36.19 -1.00 -10.84
CA LEU A 232 -36.24 0.39 -11.25
C LEU A 232 -37.21 0.65 -12.42
N ALA A 233 -37.78 -0.41 -12.97
CA ALA A 233 -38.67 -0.28 -14.14
C ALA A 233 -39.78 0.75 -13.91
N GLY A 234 -39.83 1.74 -14.78
CA GLY A 234 -40.87 2.75 -14.69
C GLY A 234 -40.46 4.04 -14.02
N LEU A 235 -39.26 4.10 -13.45
CA LEU A 235 -38.74 5.36 -12.95
C LEU A 235 -38.40 6.34 -14.08
N PRO A 236 -38.71 7.62 -13.87
CA PRO A 236 -38.22 8.67 -14.77
C PRO A 236 -36.69 8.69 -14.78
N ALA A 237 -36.08 8.91 -15.94
CA ALA A 237 -34.64 8.72 -16.06
C ALA A 237 -33.84 9.79 -15.36
N THR A 238 -34.48 10.86 -14.91
CA THR A 238 -33.75 11.90 -14.20
C THR A 238 -33.36 11.45 -12.79
N VAL A 239 -33.84 10.27 -12.38
CA VAL A 239 -33.41 9.68 -11.12
C VAL A 239 -31.89 9.50 -11.15
N ILE A 240 -31.37 9.27 -12.35
CA ILE A 240 -29.94 9.09 -12.59
C ILE A 240 -29.16 10.34 -12.20
N ASP A 241 -29.65 11.50 -12.63
CA ASP A 241 -29.03 12.78 -12.33
C ASP A 241 -29.12 13.09 -10.84
N GLU A 242 -30.26 12.74 -10.26
CA GLU A 242 -30.46 12.93 -8.83
C GLU A 242 -29.40 12.20 -8.05
N VAL A 243 -29.33 10.90 -8.27
CA VAL A 243 -28.37 10.04 -7.58
C VAL A 243 -26.94 10.51 -7.84
N ALA A 244 -26.69 11.00 -9.05
CA ALA A 244 -25.35 11.50 -9.38
C ALA A 244 -24.97 12.65 -8.46
N GLY A 245 -25.92 13.55 -8.22
CA GLY A 245 -25.66 14.68 -7.36
C GLY A 245 -25.60 14.33 -5.89
N GLN A 246 -26.09 13.15 -5.53
CA GLN A 246 -26.11 12.72 -4.13
C GLN A 246 -24.83 11.99 -3.71
N LEU A 247 -24.04 11.55 -4.69
CA LEU A 247 -22.87 10.74 -4.40
C LEU A 247 -21.86 11.44 -3.49
N GLU A 248 -21.38 10.72 -2.48
CA GLU A 248 -20.28 11.19 -1.63
C GLU A 248 -19.09 10.24 -1.74
N LEU A 249 -17.90 10.80 -1.96
CA LEU A 249 -16.67 10.01 -2.03
C LEU A 249 -16.35 9.40 -0.67
N MET A 250 -15.74 8.20 -0.67
CA MET A 250 -15.13 7.61 0.51
C MET A 250 -14.16 8.61 1.13
N PRO A 251 -14.18 8.74 2.47
CA PRO A 251 -13.17 9.56 3.14
C PRO A 251 -11.77 9.21 2.68
N GLY A 252 -11.00 10.22 2.28
CA GLY A 252 -9.64 10.00 1.85
C GLY A 252 -9.51 9.77 0.35
N ALA A 253 -10.63 9.67 -0.35
CA ALA A 253 -10.59 9.43 -1.79
C ALA A 253 -9.84 10.54 -2.53
N ARG A 254 -10.12 11.79 -2.19
CA ARG A 254 -9.52 12.92 -2.91
C ARG A 254 -8.01 12.96 -2.66
N THR A 255 -7.63 12.65 -1.43
CA THR A 255 -6.21 12.58 -1.08
C THR A 255 -5.56 11.42 -1.84
N THR A 256 -6.27 10.29 -1.91
CA THR A 256 -5.74 9.11 -2.58
C THR A 256 -5.44 9.42 -4.04
N LEU A 257 -6.46 9.85 -4.77
CA LEU A 257 -6.30 10.16 -6.19
C LEU A 257 -5.25 11.23 -6.44
N ARG A 258 -5.32 12.32 -5.69
CA ARG A 258 -4.40 13.43 -5.86
C ARG A 258 -2.95 12.94 -5.67
N THR A 259 -2.75 12.05 -4.72
CA THR A 259 -1.39 11.54 -4.46
C THR A 259 -0.95 10.56 -5.56
N LEU A 260 -1.90 9.75 -6.04
CA LEU A 260 -1.60 8.77 -7.08
C LEU A 260 -1.25 9.50 -8.40
N ARG A 261 -1.85 10.65 -8.63
CA ARG A 261 -1.50 11.44 -9.81
C ARG A 261 -0.04 11.94 -9.73
N ARG A 262 0.35 12.48 -8.57
CA ARG A 262 1.72 12.92 -8.35
C ARG A 262 2.71 11.82 -8.72
N LEU A 263 2.38 10.59 -8.33
CA LEU A 263 3.25 9.43 -8.57
C LEU A 263 3.16 8.89 -9.99
N GLY A 264 2.44 9.60 -10.85
CA GLY A 264 2.36 9.24 -12.26
C GLY A 264 1.54 8.00 -12.56
N TYR A 265 0.65 7.61 -11.65
CA TYR A 265 -0.22 6.46 -11.89
C TYR A 265 -1.21 6.75 -13.00
N ALA A 266 -1.56 5.69 -13.72
CA ALA A 266 -2.77 5.70 -14.51
C ALA A 266 -3.91 5.24 -13.59
N CYS A 267 -5.02 5.99 -13.56
CA CYS A 267 -6.13 5.67 -12.66
C CYS A 267 -7.46 5.39 -13.39
N GLY A 268 -8.16 4.33 -12.97
CA GLY A 268 -9.45 4.00 -13.54
C GLY A 268 -10.43 3.36 -12.56
N VAL A 269 -11.65 3.15 -13.04
CA VAL A 269 -12.70 2.48 -12.29
C VAL A 269 -13.31 1.38 -13.12
N VAL A 270 -13.64 0.28 -12.44
CA VAL A 270 -14.31 -0.86 -13.05
C VAL A 270 -15.53 -1.18 -12.20
N SER A 271 -16.71 -1.13 -12.80
CA SER A 271 -17.93 -1.19 -12.03
C SER A 271 -19.03 -1.95 -12.72
N GLY A 272 -19.85 -2.67 -11.95
CA GLY A 272 -21.05 -3.29 -12.46
C GLY A 272 -22.18 -2.28 -12.52
N GLY A 273 -21.89 -1.07 -12.05
CA GLY A 273 -22.87 -0.01 -12.03
C GLY A 273 -23.06 0.63 -13.39
N PHE A 274 -23.48 1.88 -13.38
CA PHE A 274 -24.09 2.51 -14.54
C PHE A 274 -23.31 3.71 -15.03
N ARG A 275 -23.01 3.71 -16.33
CA ARG A 275 -22.04 4.64 -16.89
C ARG A 275 -22.55 6.07 -16.90
N ARG A 276 -23.86 6.27 -16.91
CA ARG A 276 -24.37 7.63 -16.93
C ARG A 276 -24.09 8.33 -15.60
N ILE A 277 -23.95 7.54 -14.54
CA ILE A 277 -23.59 8.09 -13.23
C ILE A 277 -22.07 8.14 -13.05
N ILE A 278 -21.39 7.07 -13.45
CA ILE A 278 -19.96 6.93 -13.22
C ILE A 278 -19.09 7.81 -14.11
N GLU A 279 -19.40 7.87 -15.40
CA GLU A 279 -18.57 8.61 -16.35
C GLU A 279 -18.54 10.10 -15.98
N PRO A 280 -19.71 10.67 -15.64
CA PRO A 280 -19.74 12.04 -15.14
C PRO A 280 -18.77 12.26 -13.96
N LEU A 281 -18.86 11.43 -12.92
CA LEU A 281 -17.97 11.55 -11.76
C LEU A 281 -16.50 11.33 -12.12
N ALA A 282 -16.28 10.39 -13.03
CA ALA A 282 -14.94 10.05 -13.46
C ALA A 282 -14.26 11.24 -14.15
N GLU A 283 -15.03 11.97 -14.96
CA GLU A 283 -14.50 13.15 -15.62
C GLU A 283 -14.07 14.19 -14.60
N GLU A 284 -14.91 14.38 -13.57
CA GLU A 284 -14.61 15.37 -12.53
C GLU A 284 -13.33 15.04 -11.76
N LEU A 285 -13.04 13.75 -11.60
CA LEU A 285 -11.83 13.32 -10.92
C LEU A 285 -10.69 13.10 -11.91
N MET A 286 -10.97 13.40 -13.19
CA MET A 286 -9.97 13.34 -14.25
C MET A 286 -9.29 11.96 -14.32
N LEU A 287 -10.10 10.91 -14.25
CA LEU A 287 -9.61 9.54 -14.34
C LEU A 287 -9.20 9.19 -15.77
N ASP A 288 -8.47 8.10 -15.92
CA ASP A 288 -7.99 7.68 -17.25
C ASP A 288 -8.87 6.64 -17.96
N TYR A 289 -9.60 5.82 -17.19
CA TYR A 289 -10.33 4.70 -17.76
C TYR A 289 -11.58 4.31 -16.97
N VAL A 290 -12.65 4.03 -17.71
CA VAL A 290 -13.92 3.65 -17.09
C VAL A 290 -14.52 2.44 -17.80
N ALA A 291 -14.86 1.43 -17.01
CA ALA A 291 -15.68 0.32 -17.48
C ALA A 291 -16.92 0.26 -16.59
N ALA A 292 -18.09 0.28 -17.21
CA ALA A 292 -19.34 0.29 -16.47
C ALA A 292 -20.45 -0.33 -17.32
N ASN A 293 -21.48 -0.85 -16.66
CA ASN A 293 -22.67 -1.31 -17.37
C ASN A 293 -23.54 -0.12 -17.76
N GLU A 294 -24.75 -0.40 -18.24
CA GLU A 294 -25.51 0.58 -18.98
C GLU A 294 -27.00 0.39 -18.78
N LEU A 295 -27.69 1.44 -18.30
CA LEU A 295 -29.12 1.38 -18.04
C LEU A 295 -29.93 1.63 -19.29
N GLU A 296 -30.94 0.80 -19.52
CA GLU A 296 -31.81 0.99 -20.68
C GLU A 296 -32.87 2.03 -20.40
N ILE A 297 -33.00 3.01 -21.30
CA ILE A 297 -33.95 4.10 -21.16
C ILE A 297 -34.83 4.20 -22.40
N VAL A 298 -36.14 4.17 -22.19
CA VAL A 298 -37.09 4.35 -23.29
C VAL A 298 -38.01 5.51 -22.97
N ASP A 299 -38.04 6.50 -23.86
CA ASP A 299 -38.89 7.67 -23.71
C ASP A 299 -38.73 8.34 -22.34
N GLY A 300 -37.48 8.50 -21.90
CA GLY A 300 -37.20 9.17 -20.64
C GLY A 300 -37.61 8.38 -19.42
N THR A 301 -37.71 7.05 -19.58
CA THR A 301 -38.11 6.18 -18.50
C THR A 301 -37.20 4.94 -18.47
N LEU A 302 -36.77 4.53 -17.28
CA LEU A 302 -35.99 3.31 -17.15
C LEU A 302 -36.86 2.11 -17.44
N THR A 303 -36.36 1.15 -18.21
CA THR A 303 -37.16 -0.03 -18.53
C THR A 303 -37.03 -1.11 -17.45
N GLY A 304 -36.01 -0.97 -16.63
CA GLY A 304 -35.70 -1.97 -15.63
C GLY A 304 -34.69 -2.97 -16.15
N ARG A 305 -34.07 -2.67 -17.29
CA ARG A 305 -33.10 -3.59 -17.87
C ARG A 305 -31.74 -2.93 -17.96
N VAL A 306 -30.69 -3.75 -18.01
CA VAL A 306 -29.34 -3.29 -18.33
C VAL A 306 -28.95 -3.75 -19.73
N VAL A 307 -28.22 -2.91 -20.43
CA VAL A 307 -27.78 -3.21 -21.79
C VAL A 307 -26.56 -4.12 -21.78
N GLY A 308 -26.71 -5.31 -22.37
CA GLY A 308 -25.61 -6.27 -22.42
C GLY A 308 -24.49 -5.80 -23.30
N PRO A 309 -23.29 -6.38 -23.14
CA PRO A 309 -22.99 -7.42 -22.16
C PRO A 309 -22.82 -6.88 -20.73
N ILE A 310 -22.99 -7.75 -19.76
CA ILE A 310 -22.92 -7.36 -18.36
C ILE A 310 -21.51 -7.52 -17.82
N ILE A 311 -20.96 -6.45 -17.27
CA ILE A 311 -19.72 -6.56 -16.50
C ILE A 311 -20.01 -7.46 -15.31
N ASP A 312 -19.50 -8.69 -15.33
CA ASP A 312 -19.65 -9.58 -14.19
C ASP A 312 -18.30 -9.81 -13.53
N ARG A 313 -18.21 -10.83 -12.69
CA ARG A 313 -16.98 -11.06 -11.94
C ARG A 313 -15.79 -11.23 -12.88
N ALA A 314 -15.96 -12.05 -13.91
CA ALA A 314 -14.89 -12.25 -14.89
C ALA A 314 -14.68 -10.96 -15.67
N GLY A 315 -15.79 -10.29 -16.00
CA GLY A 315 -15.75 -9.05 -16.75
C GLY A 315 -14.89 -7.96 -16.13
N LYS A 316 -14.89 -7.88 -14.80
CA LYS A 316 -14.10 -6.84 -14.15
C LYS A 316 -12.63 -7.12 -14.37
N ALA A 317 -12.24 -8.37 -14.20
CA ALA A 317 -10.86 -8.78 -14.42
C ALA A 317 -10.44 -8.53 -15.86
N THR A 318 -11.38 -8.71 -16.78
CA THR A 318 -11.11 -8.48 -18.19
C THR A 318 -10.90 -6.99 -18.47
N ALA A 319 -11.71 -6.16 -17.84
CA ALA A 319 -11.56 -4.71 -18.01
C ALA A 319 -10.19 -4.23 -17.53
N LEU A 320 -9.65 -4.89 -16.51
CA LEU A 320 -8.35 -4.53 -15.96
C LEU A 320 -7.22 -4.85 -16.93
N ARG A 321 -7.20 -6.10 -17.39
CA ARG A 321 -6.26 -6.54 -18.42
C ARG A 321 -6.29 -5.62 -19.63
N GLU A 322 -7.50 -5.29 -20.05
CA GLU A 322 -7.72 -4.36 -21.15
C GLU A 322 -7.05 -3.02 -20.85
N PHE A 323 -7.43 -2.41 -19.72
CA PHE A 323 -6.86 -1.15 -19.27
C PHE A 323 -5.32 -1.21 -19.26
N ALA A 324 -4.77 -2.27 -18.70
CA ALA A 324 -3.31 -2.40 -18.59
C ALA A 324 -2.66 -2.54 -19.97
N GLN A 325 -3.36 -3.17 -20.90
CA GLN A 325 -2.84 -3.34 -22.25
C GLN A 325 -2.76 -2.00 -22.96
N ARG A 326 -3.83 -1.22 -22.85
CA ARG A 326 -3.89 0.09 -23.48
C ARG A 326 -2.90 1.04 -22.79
N ALA A 327 -2.56 0.72 -21.55
CA ALA A 327 -1.66 1.53 -20.74
C ALA A 327 -0.20 1.11 -20.90
N GLY A 328 0.03 -0.12 -21.33
CA GLY A 328 1.39 -0.63 -21.50
C GLY A 328 1.95 -1.09 -20.17
N VAL A 329 1.05 -1.41 -19.24
CA VAL A 329 1.45 -1.86 -17.91
C VAL A 329 1.28 -3.37 -17.75
N PRO A 330 2.33 -4.04 -17.28
CA PRO A 330 2.25 -5.47 -16.95
C PRO A 330 1.39 -5.69 -15.70
N MET A 331 0.60 -6.75 -15.73
CA MET A 331 -0.33 -7.07 -14.65
C MET A 331 0.35 -7.04 -13.30
N ALA A 332 1.60 -7.47 -13.26
CA ALA A 332 2.39 -7.51 -12.04
C ALA A 332 2.62 -6.12 -11.45
N GLN A 333 2.45 -5.08 -12.26
CA GLN A 333 2.62 -3.72 -11.81
C GLN A 333 1.28 -2.98 -11.71
N THR A 334 0.20 -3.74 -11.59
CA THR A 334 -1.13 -3.17 -11.46
C THR A 334 -1.70 -3.36 -10.06
N VAL A 335 -2.60 -2.47 -9.68
CA VAL A 335 -3.25 -2.53 -8.39
C VAL A 335 -4.76 -2.52 -8.57
N ALA A 336 -5.47 -3.28 -7.76
CA ALA A 336 -6.93 -3.27 -7.79
C ALA A 336 -7.47 -3.20 -6.38
N VAL A 337 -8.42 -2.30 -6.17
CA VAL A 337 -9.03 -2.09 -4.88
C VAL A 337 -10.54 -2.31 -4.97
N GLY A 338 -11.07 -3.19 -4.13
CA GLY A 338 -12.50 -3.50 -4.14
C GLY A 338 -13.01 -3.98 -2.80
N ASP A 339 -14.33 -4.22 -2.71
CA ASP A 339 -14.94 -4.61 -1.43
C ASP A 339 -15.81 -5.85 -1.51
N GLY A 340 -16.28 -6.22 -2.70
CA GLY A 340 -17.25 -7.29 -2.81
C GLY A 340 -16.76 -8.52 -3.54
N ALA A 341 -17.51 -9.62 -3.40
CA ALA A 341 -17.19 -10.87 -4.10
C ALA A 341 -17.19 -10.66 -5.60
N ASN A 342 -17.89 -9.60 -6.02
CA ASN A 342 -17.90 -9.16 -7.38
C ASN A 342 -16.50 -8.78 -7.90
N ASP A 343 -15.61 -8.45 -6.97
CA ASP A 343 -14.30 -7.94 -7.34
C ASP A 343 -13.21 -9.03 -7.32
N ILE A 344 -13.61 -10.25 -6.97
CA ILE A 344 -12.66 -11.33 -6.67
C ILE A 344 -11.67 -11.64 -7.80
N ASP A 345 -12.17 -11.72 -9.03
CA ASP A 345 -11.31 -12.02 -10.15
C ASP A 345 -10.40 -10.86 -10.48
N MET A 346 -10.93 -9.65 -10.40
CA MET A 346 -10.17 -8.45 -10.68
C MET A 346 -8.97 -8.32 -9.73
N LEU A 347 -9.20 -8.57 -8.45
CA LEU A 347 -8.12 -8.55 -7.46
C LEU A 347 -7.11 -9.65 -7.73
N ALA A 348 -7.60 -10.81 -8.15
CA ALA A 348 -6.73 -11.93 -8.48
C ALA A 348 -5.75 -11.58 -9.59
N ALA A 349 -6.27 -10.99 -10.67
CA ALA A 349 -5.46 -10.65 -11.83
C ALA A 349 -4.44 -9.56 -11.53
N ALA A 350 -4.73 -8.73 -10.54
CA ALA A 350 -3.87 -7.60 -10.21
C ALA A 350 -2.57 -8.06 -9.56
N GLY A 351 -1.52 -7.27 -9.72
CA GLY A 351 -0.24 -7.55 -9.09
C GLY A 351 -0.42 -7.35 -7.60
N LEU A 352 -1.18 -6.33 -7.25
CA LEU A 352 -1.56 -6.09 -5.88
C LEU A 352 -3.07 -5.95 -5.74
N GLY A 353 -3.71 -6.95 -5.12
CA GLY A 353 -5.14 -6.93 -4.88
C GLY A 353 -5.43 -6.47 -3.48
N ILE A 354 -6.15 -5.36 -3.34
CA ILE A 354 -6.43 -4.79 -2.03
C ILE A 354 -7.93 -4.85 -1.72
N ALA A 355 -8.26 -5.48 -0.60
CA ALA A 355 -9.65 -5.57 -0.16
C ALA A 355 -9.94 -4.45 0.82
N PHE A 356 -10.87 -3.59 0.48
CA PHE A 356 -11.19 -2.41 1.30
C PHE A 356 -12.55 -2.57 1.97
N ASN A 357 -12.58 -2.51 3.30
CA ASN A 357 -13.77 -2.84 4.11
C ASN A 357 -14.66 -3.90 3.45
N ALA A 358 -14.04 -5.05 3.17
CA ALA A 358 -14.57 -6.00 2.24
C ALA A 358 -15.29 -7.17 2.91
N LYS A 359 -16.15 -7.83 2.14
CA LYS A 359 -16.86 -9.02 2.61
C LYS A 359 -15.86 -10.16 2.74
N PRO A 360 -16.14 -11.12 3.64
CA PRO A 360 -15.20 -12.21 3.90
C PRO A 360 -14.69 -12.88 2.63
N ALA A 361 -15.58 -13.03 1.66
CA ALA A 361 -15.26 -13.66 0.38
C ALA A 361 -14.14 -12.96 -0.38
N LEU A 362 -14.06 -11.63 -0.29
CA LEU A 362 -12.99 -10.91 -0.98
C LEU A 362 -11.69 -10.93 -0.20
N ARG A 363 -11.78 -10.75 1.12
CA ARG A 363 -10.60 -10.77 1.99
C ARG A 363 -9.81 -12.07 1.87
N GLU A 364 -10.51 -13.15 1.53
CA GLU A 364 -9.91 -14.47 1.45
C GLU A 364 -9.00 -14.66 0.24
N VAL A 365 -9.13 -13.80 -0.76
CA VAL A 365 -8.32 -13.95 -1.97
C VAL A 365 -7.48 -12.71 -2.24
N ALA A 366 -7.64 -11.69 -1.40
CA ALA A 366 -6.93 -10.43 -1.56
C ALA A 366 -5.50 -10.52 -1.06
N ASP A 367 -4.59 -9.83 -1.75
CA ASP A 367 -3.21 -9.75 -1.32
C ASP A 367 -3.11 -9.00 0.02
N ALA A 368 -4.01 -8.07 0.26
CA ALA A 368 -4.06 -7.32 1.51
C ALA A 368 -5.46 -6.82 1.81
N SER A 369 -5.76 -6.61 3.10
CA SER A 369 -7.06 -6.12 3.49
C SER A 369 -6.96 -4.88 4.37
N LEU A 370 -7.81 -3.91 4.09
CA LEU A 370 -7.90 -2.68 4.88
C LEU A 370 -9.25 -2.68 5.56
N SER A 371 -9.27 -2.32 6.84
CA SER A 371 -10.45 -2.48 7.64
C SER A 371 -10.95 -1.16 8.17
N HIS A 372 -10.25 -0.08 7.87
CA HIS A 372 -10.66 1.22 8.37
C HIS A 372 -11.25 2.01 7.22
N PRO A 373 -12.20 2.89 7.50
CA PRO A 373 -12.98 3.53 6.43
C PRO A 373 -12.27 4.70 5.79
N TYR A 374 -10.95 4.60 5.63
CA TYR A 374 -10.15 5.66 5.03
C TYR A 374 -9.48 5.14 3.80
N LEU A 375 -9.93 5.62 2.63
CA LEU A 375 -9.40 5.14 1.37
C LEU A 375 -7.92 5.48 1.22
N ASP A 376 -7.49 6.59 1.81
CA ASP A 376 -6.08 6.97 1.70
C ASP A 376 -5.13 5.99 2.41
N THR A 377 -5.65 5.03 3.18
CA THR A 377 -4.76 4.02 3.76
C THR A 377 -4.23 3.11 2.66
N VAL A 378 -4.86 3.17 1.49
CA VAL A 378 -4.32 2.50 0.32
C VAL A 378 -2.92 3.00 -0.01
N LEU A 379 -2.73 4.32 0.06
CA LEU A 379 -1.42 4.92 -0.19
C LEU A 379 -0.30 4.34 0.66
N PHE A 380 -0.59 3.99 1.91
CA PHE A 380 0.42 3.43 2.79
C PHE A 380 0.90 2.09 2.25
N LEU A 381 -0.03 1.29 1.71
CA LEU A 381 0.33 0.00 1.10
C LEU A 381 1.13 0.19 -0.18
N LEU A 382 1.11 1.40 -0.72
CA LEU A 382 1.85 1.67 -1.94
C LEU A 382 3.17 2.37 -1.64
N GLY A 383 3.58 2.35 -0.38
CA GLY A 383 4.90 2.83 -0.03
C GLY A 383 4.99 4.33 0.17
N VAL A 384 3.85 4.98 0.31
CA VAL A 384 3.83 6.40 0.61
C VAL A 384 3.65 6.61 2.12
N THR A 385 4.30 7.63 2.68
CA THR A 385 4.07 7.97 4.07
C THR A 385 3.15 9.18 4.19
N ARG A 386 2.49 9.28 5.34
CA ARG A 386 1.72 10.45 5.69
C ARG A 386 2.53 11.74 5.57
N GLY A 387 3.79 11.69 6.02
CA GLY A 387 4.66 12.85 5.94
C GLY A 387 4.86 13.37 4.51
N GLU A 388 5.11 12.46 3.58
CA GLU A 388 5.28 12.81 2.17
C GLU A 388 4.02 13.40 1.56
N ILE A 389 2.86 12.86 1.94
CA ILE A 389 1.58 13.36 1.44
C ILE A 389 1.36 14.80 1.88
N GLU A 390 1.61 15.04 3.15
CA GLU A 390 1.43 16.36 3.75
C GLU A 390 2.44 17.35 3.17
N ALA A 391 3.66 16.90 2.94
CA ALA A 391 4.70 17.75 2.36
C ALA A 391 4.33 18.17 0.95
N ALA A 392 3.92 17.19 0.14
CA ALA A 392 3.50 17.43 -1.25
C ALA A 392 2.36 18.42 -1.32
N ASP A 393 1.39 18.28 -0.41
CA ASP A 393 0.22 19.14 -0.40
C ASP A 393 0.57 20.56 0.07
N ALA A 394 1.67 20.69 0.81
CA ALA A 394 2.11 22.00 1.31
C ALA A 394 2.70 22.88 0.20
N ILE A 395 3.43 22.25 -0.72
CA ILE A 395 4.05 22.94 -1.85
C ILE A 395 3.00 23.30 -2.90
N ASP A 396 1.80 22.73 -2.73
CA ASP A 396 0.69 22.91 -3.66
C ASP A 396 1.04 22.30 -5.02
N SER B . -24.05 -1.38 -9.45
CA SER B . -23.52 -1.77 -8.17
C SER B . -23.56 -3.28 -8.05
O SER B . -23.14 -3.97 -9.02
CB SER B . -24.30 -1.09 -7.12
OG SER B . -24.64 0.19 -7.63
OXT SER B . -23.99 -3.86 -7.01
MG MG C . -18.30 -2.51 -4.36
C1 EDO D . -24.59 8.53 -0.27
O1 EDO D . -23.88 9.17 0.78
C2 EDO D . -23.85 8.78 -1.57
O2 EDO D . -22.58 8.18 -1.53
C1 EDO E . 3.28 -8.90 -3.19
O1 EDO E . 1.97 -9.27 -2.81
C2 EDO E . 3.25 -7.54 -3.86
O2 EDO E . 2.86 -7.67 -5.21
#